data_2NNA
#
_entry.id   2NNA
#
_cell.length_a   58.830
_cell.length_b   92.520
_cell.length_c   113.060
_cell.angle_alpha   90.00
_cell.angle_beta   90.00
_cell.angle_gamma   90.00
#
_symmetry.space_group_name_H-M   'P 21 21 21'
#
loop_
_entity.id
_entity.type
_entity.pdbx_description
1 polymer 'MHC class II antigen'
2 polymer 'MHC class II antigen'
3 polymer 'gluten peptide'
4 water water
#
loop_
_entity_poly.entity_id
_entity_poly.type
_entity_poly.pdbx_seq_one_letter_code
_entity_poly.pdbx_strand_id
1 'polypeptide(L)'
;EDIVADHVASYGVNLYQSYGPSGQYSHEFDGDEEFYVDLERKETVWQLPLFRRFRRFDPQFALTNIAVLKHNLNIVIKRS
NSTAATNEVPEVTVFSKSPVTLGQPNTLICLVDNIFPPVVNITWLSNGHSVTEGVSETSFLSKSDHSFFKISYLTFLPSA
DEIYDCKVEHWGLDEPLLKHWEPE
;
A
2 'polypeptide(L)'
;GGGGSIEGRGSGGGSRDSPEDFVYQFKGMCYFTNGTERVRLVTRYIYNREEYARFDSDVGVYRAVTPLGPPAAEYWNSQK
EVLERTRAELDTVCRHNYQLELRTTLQRRVEPTVTISPSRTEALNHHNLLVCSVTDFYPAQIKVRWFRNDQEETTGVVST
PLIRNGDWTFQILVMLEMTPQRGDVYTCHVEHPSLQNPIIVEWRAQS
;
B
3 'polypeptide(L)' QQYPSGEGSFQPSQENPQ C
#
# COMPACT_ATOMS: atom_id res chain seq x y z
N ASP A 2 10.18 -10.12 -4.49
CA ASP A 2 11.43 -10.91 -4.34
C ASP A 2 11.16 -12.15 -3.48
N ILE A 3 10.74 -11.93 -2.24
CA ILE A 3 10.44 -13.03 -1.31
C ILE A 3 8.98 -13.46 -1.46
N VAL A 4 8.77 -14.74 -1.73
CA VAL A 4 7.42 -15.26 -1.90
C VAL A 4 6.87 -15.78 -0.58
N ALA A 5 5.62 -15.44 -0.28
CA ALA A 5 4.98 -15.85 0.95
C ALA A 5 3.48 -15.67 0.81
N ASP A 6 2.71 -16.36 1.64
CA ASP A 6 1.27 -16.25 1.58
C ASP A 6 0.85 -14.85 2.05
N HIS A 7 1.54 -14.35 3.07
CA HIS A 7 1.25 -13.02 3.60
C HIS A 7 2.52 -12.25 3.92
N VAL A 8 2.48 -10.95 3.66
CA VAL A 8 3.60 -10.07 3.94
C VAL A 8 3.10 -8.90 4.78
N ALA A 9 3.80 -8.60 5.87
CA ALA A 9 3.42 -7.51 6.74
C ALA A 9 4.58 -6.59 7.04
N SER A 10 4.27 -5.35 7.38
CA SER A 10 5.28 -4.37 7.76
C SER A 10 4.83 -3.88 9.11
N TYR A 11 5.46 -4.40 10.16
CA TYR A 11 5.13 -4.02 11.53
C TYR A 11 6.20 -3.04 11.91
N GLY A 12 6.27 -2.04 11.03
CA GLY A 12 7.22 -0.98 11.17
C GLY A 12 7.64 -0.35 9.85
N VAL A 13 6.71 0.27 9.14
CA VAL A 13 7.09 1.10 8.03
C VAL A 13 7.47 2.40 8.72
N ASN A 14 8.76 2.60 8.98
CA ASN A 14 9.23 3.83 9.64
C ASN A 14 9.88 4.77 8.64
N LEU A 15 9.51 6.05 8.71
CA LEU A 15 10.05 7.06 7.81
C LEU A 15 10.42 8.36 8.53
N TYR A 16 11.56 8.93 8.15
CA TYR A 16 12.00 10.20 8.70
C TYR A 16 12.82 10.89 7.61
N GLN A 17 12.54 12.17 7.37
CA GLN A 17 13.27 12.92 6.35
C GLN A 17 13.61 14.33 6.84
N SER A 18 14.76 14.84 6.39
CA SER A 18 15.21 16.16 6.80
C SER A 18 14.27 17.28 6.38
N TYR A 19 13.68 17.17 5.19
CA TYR A 19 12.75 18.21 4.75
C TYR A 19 11.54 18.29 5.67
N GLY A 20 11.44 19.39 6.41
CA GLY A 20 10.34 19.58 7.35
C GLY A 20 10.89 20.04 8.69
N PRO A 21 11.45 19.12 9.51
CA PRO A 21 11.57 17.70 9.20
C PRO A 21 10.21 17.02 9.33
N SER A 22 10.12 15.77 8.87
CA SER A 22 8.87 15.04 8.95
C SER A 22 9.10 13.53 8.99
N GLY A 23 8.15 12.82 9.60
CA GLY A 23 8.27 11.38 9.70
C GLY A 23 6.91 10.71 9.55
N GLN A 24 6.91 9.39 9.53
CA GLN A 24 5.69 8.62 9.39
C GLN A 24 5.91 7.25 10.02
N TYR A 25 4.87 6.74 10.67
CA TYR A 25 4.93 5.40 11.27
C TYR A 25 3.60 4.73 10.98
N SER A 26 3.66 3.55 10.38
CA SER A 26 2.45 2.82 10.05
C SER A 26 2.71 1.34 9.97
N HIS A 27 1.65 0.54 10.05
CA HIS A 27 1.75 -0.91 9.93
C HIS A 27 0.92 -1.29 8.71
N GLU A 28 1.43 -2.23 7.92
CA GLU A 28 0.72 -2.67 6.73
C GLU A 28 0.63 -4.19 6.75
N PHE A 29 -0.43 -4.74 6.19
CA PHE A 29 -0.58 -6.18 6.10
C PHE A 29 -1.10 -6.46 4.70
N ASP A 30 -0.40 -7.31 3.97
CA ASP A 30 -0.76 -7.65 2.58
C ASP A 30 -1.05 -6.41 1.72
N GLY A 31 -0.17 -5.42 1.85
CA GLY A 31 -0.30 -4.21 1.04
C GLY A 31 -1.24 -3.10 1.45
N ASP A 32 -1.96 -3.25 2.56
CA ASP A 32 -2.89 -2.20 2.99
C ASP A 32 -2.49 -1.70 4.37
N GLU A 33 -2.84 -0.45 4.66
CA GLU A 33 -2.49 0.17 5.94
C GLU A 33 -3.45 -0.15 7.08
N GLU A 34 -2.93 -0.78 8.12
CA GLU A 34 -3.74 -1.11 9.29
C GLU A 34 -3.90 0.16 10.12
N PHE A 35 -2.82 0.93 10.25
CA PHE A 35 -2.86 2.17 11.01
C PHE A 35 -1.60 2.99 10.79
N TYR A 36 -1.64 4.22 11.29
CA TYR A 36 -0.51 5.12 11.25
C TYR A 36 -0.61 5.84 12.57
N VAL A 37 0.51 6.34 13.07
CA VAL A 37 0.51 7.06 14.34
C VAL A 37 0.65 8.53 14.02
N ASP A 38 -0.29 9.34 14.49
CA ASP A 38 -0.22 10.79 14.26
C ASP A 38 0.89 11.25 15.22
N LEU A 39 2.01 11.66 14.67
CA LEU A 39 3.15 12.08 15.48
C LEU A 39 2.95 13.38 16.23
N GLU A 40 1.97 14.18 15.81
CA GLU A 40 1.67 15.45 16.47
C GLU A 40 0.73 15.19 17.64
N ARG A 41 -0.41 14.57 17.35
CA ARG A 41 -1.40 14.28 18.39
C ARG A 41 -0.97 13.10 19.26
N LYS A 42 0.07 12.39 18.84
CA LYS A 42 0.59 11.24 19.57
C LYS A 42 -0.47 10.16 19.74
N GLU A 43 -1.23 9.88 18.68
CA GLU A 43 -2.29 8.87 18.72
C GLU A 43 -2.19 7.88 17.59
N THR A 44 -2.73 6.69 17.82
CA THR A 44 -2.77 5.64 16.83
C THR A 44 -4.10 5.81 16.11
N VAL A 45 -4.08 5.78 14.79
CA VAL A 45 -5.29 5.95 13.99
C VAL A 45 -5.48 4.73 13.09
N TRP A 46 -6.37 3.83 13.51
CA TRP A 46 -6.64 2.63 12.74
C TRP A 46 -7.48 2.94 11.51
N GLN A 47 -7.22 2.20 10.43
CA GLN A 47 -7.91 2.42 9.17
C GLN A 47 -9.17 1.61 8.90
N LEU A 48 -9.55 0.73 9.82
CA LEU A 48 -10.77 -0.06 9.71
C LEU A 48 -11.52 -0.11 11.05
N PRO A 49 -12.85 0.00 11.02
CA PRO A 49 -13.67 -0.04 12.25
C PRO A 49 -13.33 -1.29 13.06
N LEU A 50 -13.16 -2.41 12.37
CA LEU A 50 -12.83 -3.67 13.01
C LEU A 50 -11.56 -3.55 13.86
N PHE A 51 -10.51 -2.95 13.29
CA PHE A 51 -9.23 -2.80 14.00
C PHE A 51 -9.38 -1.87 15.19
N ARG A 52 -9.98 -0.71 14.93
CA ARG A 52 -10.22 0.33 15.92
C ARG A 52 -10.98 -0.26 17.11
N ARG A 53 -11.79 -1.28 16.83
CA ARG A 53 -12.61 -1.93 17.84
C ARG A 53 -11.92 -3.06 18.61
N PHE A 54 -11.07 -3.82 17.93
CA PHE A 54 -10.40 -4.95 18.59
C PHE A 54 -8.90 -4.90 18.85
N ARG A 55 -8.17 -3.99 18.21
CA ARG A 55 -6.74 -3.95 18.47
C ARG A 55 -6.21 -2.59 18.96
N ARG A 56 -5.01 -2.62 19.51
CA ARG A 56 -4.39 -1.41 20.04
C ARG A 56 -2.88 -1.40 19.85
N PHE A 57 -2.32 -0.20 19.76
CA PHE A 57 -0.88 -0.01 19.58
C PHE A 57 -0.38 1.18 20.39
N ASP A 58 0.71 0.97 21.12
CA ASP A 58 1.30 2.03 21.95
C ASP A 58 2.00 3.05 21.06
N PRO A 59 1.42 4.25 20.90
CA PRO A 59 1.99 5.32 20.07
C PRO A 59 3.45 5.62 20.40
N GLN A 60 3.81 5.46 21.68
CA GLN A 60 5.15 5.73 22.15
C GLN A 60 6.22 4.91 21.42
N PHE A 61 5.91 3.66 21.07
CA PHE A 61 6.88 2.83 20.35
C PHE A 61 7.23 3.52 19.02
N ALA A 62 6.22 4.13 18.41
CA ALA A 62 6.43 4.81 17.15
C ALA A 62 7.30 6.07 17.35
N LEU A 63 6.94 6.88 18.34
CA LEU A 63 7.66 8.12 18.64
C LEU A 63 9.12 7.83 18.98
N THR A 64 9.35 6.78 19.74
CA THR A 64 10.69 6.40 20.12
C THR A 64 11.49 5.91 18.90
N ASN A 65 10.83 5.14 18.04
CA ASN A 65 11.47 4.64 16.81
C ASN A 65 11.93 5.80 15.92
N ILE A 66 11.06 6.79 15.75
CA ILE A 66 11.37 7.94 14.90
C ILE A 66 12.59 8.73 15.40
N ALA A 67 12.74 8.87 16.71
CA ALA A 67 13.89 9.58 17.26
C ALA A 67 15.14 8.80 16.90
N VAL A 68 15.01 7.48 16.80
CA VAL A 68 16.16 6.66 16.42
C VAL A 68 16.46 6.83 14.93
N LEU A 69 15.42 6.89 14.09
CA LEU A 69 15.65 7.08 12.67
C LEU A 69 16.36 8.42 12.45
N LYS A 70 15.96 9.43 13.22
CA LYS A 70 16.58 10.76 13.10
C LYS A 70 18.06 10.66 13.43
N HIS A 71 18.37 9.99 14.54
CA HIS A 71 19.75 9.79 14.96
C HIS A 71 20.54 9.06 13.86
N ASN A 72 19.95 8.00 13.30
CA ASN A 72 20.61 7.24 12.25
C ASN A 72 20.81 8.04 10.97
N LEU A 73 19.79 8.80 10.57
CA LEU A 73 19.87 9.61 9.35
C LEU A 73 21.06 10.57 9.32
N ASN A 74 21.21 11.38 10.37
CA ASN A 74 22.29 12.36 10.45
C ASN A 74 23.66 11.72 10.34
N ILE A 75 23.78 10.50 10.86
CA ILE A 75 25.04 9.78 10.80
C ILE A 75 25.32 9.23 9.39
N VAL A 76 24.28 8.75 8.71
CA VAL A 76 24.46 8.21 7.37
C VAL A 76 24.62 9.34 6.36
N ILE A 77 24.04 10.50 6.66
CA ILE A 77 24.17 11.65 5.77
C ILE A 77 25.66 11.96 5.67
N LYS A 78 26.36 11.87 6.79
CA LYS A 78 27.80 12.15 6.83
C LYS A 78 28.61 11.02 6.20
N ARG A 79 28.22 9.79 6.46
CA ARG A 79 28.94 8.65 5.90
C ARG A 79 28.83 8.60 4.38
N SER A 80 27.80 9.23 3.82
CA SER A 80 27.60 9.24 2.37
C SER A 80 28.04 10.56 1.74
N ASN A 81 28.72 11.40 2.53
CA ASN A 81 29.17 12.71 2.04
C ASN A 81 27.99 13.52 1.53
N SER A 82 26.90 13.50 2.30
CA SER A 82 25.69 14.24 1.97
C SER A 82 25.05 13.95 0.62
N THR A 83 24.90 12.67 0.28
CA THR A 83 24.24 12.31 -0.96
C THR A 83 22.74 12.50 -0.72
N ALA A 84 22.15 13.47 -1.39
CA ALA A 84 20.73 13.78 -1.22
C ALA A 84 19.82 12.90 -2.07
N ALA A 85 18.57 12.80 -1.66
CA ALA A 85 17.58 12.01 -2.37
C ALA A 85 17.41 12.54 -3.81
N THR A 86 17.17 11.63 -4.74
CA THR A 86 16.95 11.99 -6.13
C THR A 86 15.45 11.90 -6.39
N ASN A 87 14.85 12.96 -6.92
CA ASN A 87 13.42 12.94 -7.22
C ASN A 87 13.08 11.94 -8.31
N GLU A 88 12.02 11.16 -8.07
CA GLU A 88 11.52 10.21 -9.05
C GLU A 88 10.34 10.88 -9.72
N VAL A 89 9.99 10.41 -10.91
CA VAL A 89 8.85 10.96 -11.63
C VAL A 89 7.65 10.11 -11.20
N PRO A 90 6.63 10.74 -10.60
CA PRO A 90 5.47 9.96 -10.18
C PRO A 90 4.49 9.72 -11.34
N GLU A 91 3.61 8.74 -11.16
CA GLU A 91 2.60 8.41 -12.14
C GLU A 91 1.24 8.42 -11.45
N VAL A 92 0.27 9.06 -12.11
CA VAL A 92 -1.07 9.21 -11.58
C VAL A 92 -2.14 8.45 -12.38
N THR A 93 -3.12 7.91 -11.66
CA THR A 93 -4.20 7.16 -12.26
C THR A 93 -5.50 7.48 -11.51
N VAL A 94 -6.57 7.70 -12.24
CA VAL A 94 -7.86 8.01 -11.62
C VAL A 94 -8.94 7.03 -12.08
N PHE A 95 -9.73 6.54 -11.13
CA PHE A 95 -10.80 5.59 -11.43
C PHE A 95 -11.85 5.61 -10.34
N SER A 96 -13.05 5.13 -10.67
CA SER A 96 -14.13 5.12 -9.70
C SER A 96 -14.08 3.83 -8.88
N LYS A 97 -14.57 3.89 -7.66
CA LYS A 97 -14.61 2.74 -6.76
C LYS A 97 -15.59 1.70 -7.29
N SER A 98 -16.73 2.18 -7.79
CA SER A 98 -17.78 1.30 -8.31
C SER A 98 -18.26 1.79 -9.68
N PRO A 99 -19.04 0.97 -10.38
CA PRO A 99 -19.56 1.36 -11.69
C PRO A 99 -20.30 2.69 -11.58
N VAL A 100 -20.24 3.50 -12.63
CA VAL A 100 -20.88 4.81 -12.61
C VAL A 100 -22.31 4.84 -13.15
N THR A 101 -23.25 5.16 -12.26
CA THR A 101 -24.66 5.30 -12.62
C THR A 101 -25.07 6.68 -12.10
N LEU A 102 -25.37 7.58 -13.03
CA LEU A 102 -25.76 8.95 -12.70
C LEU A 102 -26.72 9.01 -11.53
N GLY A 103 -26.41 9.86 -10.54
CA GLY A 103 -27.28 10.02 -9.40
C GLY A 103 -26.93 9.14 -8.21
N GLN A 104 -26.25 8.01 -8.47
CA GLN A 104 -25.90 7.11 -7.38
C GLN A 104 -24.51 7.41 -6.80
N PRO A 105 -24.45 7.63 -5.48
CA PRO A 105 -23.21 7.94 -4.76
C PRO A 105 -22.05 7.02 -5.18
N ASN A 106 -20.91 7.64 -5.47
CA ASN A 106 -19.72 6.91 -5.88
C ASN A 106 -18.50 7.62 -5.29
N THR A 107 -17.32 7.09 -5.57
CA THR A 107 -16.08 7.66 -5.08
C THR A 107 -14.99 7.60 -6.13
N LEU A 108 -14.36 8.74 -6.40
CA LEU A 108 -13.27 8.79 -7.36
C LEU A 108 -12.00 8.50 -6.57
N ILE A 109 -11.14 7.67 -7.15
CA ILE A 109 -9.90 7.28 -6.51
C ILE A 109 -8.72 7.77 -7.34
N CYS A 110 -7.76 8.42 -6.69
CA CYS A 110 -6.59 8.91 -7.37
C CYS A 110 -5.34 8.24 -6.83
N LEU A 111 -4.78 7.33 -7.63
CA LEU A 111 -3.57 6.59 -7.25
C LEU A 111 -2.32 7.35 -7.72
N VAL A 112 -1.46 7.70 -6.79
CA VAL A 112 -0.21 8.39 -7.13
C VAL A 112 0.91 7.42 -6.78
N ASP A 113 1.51 6.84 -7.82
CA ASP A 113 2.55 5.84 -7.67
C ASP A 113 3.97 6.36 -7.91
N ASN A 114 4.97 5.54 -7.54
CA ASN A 114 6.38 5.86 -7.69
C ASN A 114 6.72 7.24 -7.13
N ILE A 115 6.30 7.47 -5.88
CA ILE A 115 6.56 8.73 -5.21
C ILE A 115 7.86 8.72 -4.44
N PHE A 116 8.75 9.64 -4.77
CA PHE A 116 10.01 9.78 -4.04
C PHE A 116 10.75 11.06 -4.40
N PRO A 117 11.17 11.84 -3.38
CA PRO A 117 10.98 11.58 -1.95
C PRO A 117 9.49 11.64 -1.57
N PRO A 118 9.13 11.17 -0.36
CA PRO A 118 7.75 11.16 0.12
C PRO A 118 7.24 12.53 0.58
N VAL A 119 6.99 13.40 -0.38
CA VAL A 119 6.48 14.74 -0.16
C VAL A 119 5.66 15.00 -1.40
N VAL A 120 4.37 15.28 -1.25
CA VAL A 120 3.53 15.49 -2.42
C VAL A 120 2.22 16.18 -2.08
N ASN A 121 1.62 16.82 -3.07
CA ASN A 121 0.32 17.48 -2.90
C ASN A 121 -0.67 16.83 -3.86
N ILE A 122 -1.74 16.27 -3.31
CA ILE A 122 -2.76 15.64 -4.14
C ILE A 122 -4.07 16.33 -3.85
N THR A 123 -4.61 17.04 -4.83
CA THR A 123 -5.86 17.77 -4.64
C THR A 123 -6.82 17.47 -5.78
N TRP A 124 -8.10 17.79 -5.57
CA TRP A 124 -9.11 17.54 -6.59
C TRP A 124 -9.73 18.79 -7.18
N LEU A 125 -10.10 18.70 -8.45
CA LEU A 125 -10.74 19.80 -9.16
C LEU A 125 -12.04 19.35 -9.79
N SER A 126 -13.06 20.19 -9.69
CA SER A 126 -14.37 19.90 -10.27
C SER A 126 -14.68 21.04 -11.23
N ASN A 127 -14.86 20.71 -12.51
CA ASN A 127 -15.14 21.71 -13.52
C ASN A 127 -14.05 22.78 -13.49
N GLY A 128 -12.84 22.36 -13.14
CA GLY A 128 -11.73 23.30 -13.10
C GLY A 128 -11.45 23.98 -11.77
N HIS A 129 -12.39 23.92 -10.83
CA HIS A 129 -12.15 24.57 -9.54
C HIS A 129 -11.89 23.59 -8.40
N SER A 130 -11.23 24.07 -7.35
CA SER A 130 -10.89 23.25 -6.19
C SER A 130 -12.08 22.72 -5.43
N VAL A 131 -11.90 21.56 -4.83
CA VAL A 131 -12.94 20.91 -4.05
C VAL A 131 -12.27 20.19 -2.88
N THR A 132 -12.70 20.51 -1.66
CA THR A 132 -12.14 19.90 -0.46
C THR A 132 -13.15 19.03 0.26
N GLU A 133 -14.43 19.26 -0.02
CA GLU A 133 -15.51 18.50 0.60
C GLU A 133 -15.49 17.07 0.10
N GLY A 134 -15.53 16.11 1.02
CA GLY A 134 -15.54 14.70 0.63
C GLY A 134 -14.19 14.14 0.19
N VAL A 135 -13.12 14.88 0.44
CA VAL A 135 -11.78 14.44 0.06
C VAL A 135 -11.02 13.86 1.25
N SER A 136 -10.30 12.77 1.00
CA SER A 136 -9.49 12.11 2.03
C SER A 136 -8.34 11.38 1.35
N GLU A 137 -7.42 10.83 2.13
CA GLU A 137 -6.29 10.13 1.54
C GLU A 137 -5.59 9.21 2.52
N THR A 138 -4.85 8.26 1.98
CA THR A 138 -4.10 7.32 2.80
C THR A 138 -2.78 7.97 3.16
N SER A 139 -1.99 7.27 3.96
CA SER A 139 -0.65 7.72 4.32
C SER A 139 0.19 7.30 3.12
N PHE A 140 1.51 7.39 3.24
CA PHE A 140 2.37 6.93 2.16
C PHE A 140 2.49 5.42 2.36
N LEU A 141 2.18 4.67 1.30
CA LEU A 141 2.26 3.20 1.37
C LEU A 141 3.61 2.78 0.78
N SER A 142 4.28 1.86 1.46
CA SER A 142 5.59 1.40 1.01
C SER A 142 5.57 0.55 -0.27
N LYS A 143 6.73 0.50 -0.93
CA LYS A 143 6.93 -0.29 -2.14
C LYS A 143 8.28 -0.97 -1.94
N SER A 144 8.46 -2.16 -2.50
CA SER A 144 9.71 -2.90 -2.34
C SER A 144 10.95 -2.20 -2.91
N ASP A 145 10.78 -1.26 -3.84
CA ASP A 145 11.93 -0.55 -4.39
C ASP A 145 12.17 0.69 -3.55
N HIS A 146 11.40 0.80 -2.47
CA HIS A 146 11.51 1.88 -1.46
C HIS A 146 11.03 3.27 -1.87
N SER A 147 10.22 3.31 -2.88
CA SER A 147 9.56 4.53 -3.26
C SER A 147 8.21 4.37 -2.58
N PHE A 148 7.25 5.27 -2.77
CA PHE A 148 5.95 5.10 -2.12
C PHE A 148 4.82 5.37 -3.09
N PHE A 149 3.60 5.12 -2.63
CA PHE A 149 2.43 5.43 -3.41
C PHE A 149 1.41 5.98 -2.40
N LYS A 150 0.45 6.75 -2.87
CA LYS A 150 -0.54 7.32 -1.98
C LYS A 150 -1.82 7.45 -2.77
N ILE A 151 -2.94 7.24 -2.10
CA ILE A 151 -4.23 7.31 -2.75
C ILE A 151 -5.14 8.34 -2.10
N SER A 152 -5.73 9.18 -2.93
CA SER A 152 -6.65 10.22 -2.49
C SER A 152 -8.04 9.83 -2.97
N TYR A 153 -9.06 10.23 -2.21
CA TYR A 153 -10.43 9.91 -2.53
C TYR A 153 -11.31 11.16 -2.56
N LEU A 154 -12.29 11.13 -3.46
CA LEU A 154 -13.26 12.22 -3.58
C LEU A 154 -14.64 11.59 -3.70
N THR A 155 -15.41 11.63 -2.62
CA THR A 155 -16.77 11.08 -2.66
C THR A 155 -17.59 12.03 -3.52
N PHE A 156 -18.32 11.48 -4.48
CA PHE A 156 -19.12 12.31 -5.36
C PHE A 156 -20.41 11.64 -5.83
N LEU A 157 -21.26 12.44 -6.48
CA LEU A 157 -22.52 11.96 -7.01
C LEU A 157 -22.41 12.15 -8.51
N PRO A 158 -22.29 11.05 -9.27
CA PRO A 158 -22.18 11.13 -10.74
C PRO A 158 -23.23 12.05 -11.34
N SER A 159 -22.79 12.93 -12.22
CA SER A 159 -23.69 13.88 -12.87
C SER A 159 -23.15 14.31 -14.23
N ALA A 160 -24.06 14.67 -15.12
CA ALA A 160 -23.69 15.13 -16.45
C ALA A 160 -23.18 16.57 -16.41
N ASP A 161 -23.29 17.19 -15.23
CA ASP A 161 -22.85 18.56 -15.06
C ASP A 161 -21.48 18.70 -14.40
N GLU A 162 -20.75 17.59 -14.27
CA GLU A 162 -19.44 17.68 -13.62
C GLU A 162 -18.36 16.76 -14.16
N ILE A 163 -17.17 17.32 -14.35
CA ILE A 163 -16.00 16.59 -14.80
C ILE A 163 -14.91 16.86 -13.76
N TYR A 164 -14.08 15.88 -13.49
CA TYR A 164 -13.06 16.07 -12.47
C TYR A 164 -11.61 15.94 -12.92
N ASP A 165 -10.71 16.31 -12.01
CA ASP A 165 -9.29 16.24 -12.25
C ASP A 165 -8.57 16.02 -10.93
N CYS A 166 -7.60 15.12 -10.95
CA CYS A 166 -6.80 14.88 -9.76
C CYS A 166 -5.52 15.65 -10.07
N LYS A 167 -5.20 16.63 -9.23
CA LYS A 167 -4.01 17.44 -9.45
C LYS A 167 -2.90 16.98 -8.54
N VAL A 168 -1.74 16.68 -9.12
CA VAL A 168 -0.61 16.19 -8.36
C VAL A 168 0.62 17.08 -8.52
N GLU A 169 1.17 17.51 -7.39
CA GLU A 169 2.37 18.34 -7.39
C GLU A 169 3.47 17.57 -6.69
N HIS A 170 4.61 17.46 -7.36
CA HIS A 170 5.77 16.77 -6.83
C HIS A 170 7.02 17.37 -7.47
N TRP A 171 8.08 17.47 -6.68
CA TRP A 171 9.34 18.03 -7.18
C TRP A 171 9.90 17.34 -8.41
N GLY A 172 9.55 16.07 -8.60
CA GLY A 172 10.05 15.34 -9.75
C GLY A 172 9.41 15.66 -11.09
N LEU A 173 8.27 16.35 -11.04
CA LEU A 173 7.52 16.71 -12.25
C LEU A 173 7.95 18.02 -12.90
N ASP A 174 7.88 18.10 -14.22
CA ASP A 174 8.23 19.33 -14.91
C ASP A 174 7.12 20.34 -14.67
N GLU A 175 5.93 19.83 -14.43
CA GLU A 175 4.78 20.68 -14.15
C GLU A 175 3.72 19.85 -13.42
N PRO A 176 2.78 20.51 -12.73
CA PRO A 176 1.74 19.79 -12.01
C PRO A 176 0.98 18.84 -12.93
N LEU A 177 0.67 17.65 -12.45
CA LEU A 177 -0.08 16.68 -13.24
C LEU A 177 -1.58 16.81 -13.01
N LEU A 178 -2.33 16.77 -14.10
CA LEU A 178 -3.78 16.83 -14.05
C LEU A 178 -4.34 15.62 -14.79
N LYS A 179 -4.77 14.62 -14.04
CA LYS A 179 -5.34 13.42 -14.62
C LYS A 179 -6.86 13.59 -14.63
N HIS A 180 -7.44 13.63 -15.82
CA HIS A 180 -8.87 13.84 -15.99
C HIS A 180 -9.74 12.58 -15.90
N TRP A 181 -11.00 12.78 -15.53
CA TRP A 181 -11.96 11.69 -15.43
C TRP A 181 -13.38 12.23 -15.64
N GLU A 182 -14.17 11.54 -16.45
CA GLU A 182 -15.55 11.94 -16.74
C GLU A 182 -16.54 10.79 -16.61
N PRO A 183 -17.79 11.09 -16.23
CA PRO A 183 -18.87 10.12 -16.06
C PRO A 183 -19.15 9.33 -17.34
N GLY B 14 12.12 24.07 -10.99
CA GLY B 14 11.91 22.69 -11.52
C GLY B 14 12.51 21.61 -10.63
N SER B 15 12.56 20.39 -11.14
CA SER B 15 13.10 19.26 -10.40
C SER B 15 14.54 19.49 -9.94
N ARG B 16 15.32 20.17 -10.77
CA ARG B 16 16.72 20.43 -10.44
C ARG B 16 16.96 21.49 -9.36
N ASP B 17 15.94 22.28 -9.05
CA ASP B 17 16.09 23.29 -8.02
C ASP B 17 15.09 23.10 -6.87
N SER B 18 14.64 21.87 -6.70
CA SER B 18 13.71 21.54 -5.64
C SER B 18 14.46 21.53 -4.31
N PRO B 19 13.74 21.60 -3.18
CA PRO B 19 14.41 21.60 -1.88
C PRO B 19 15.22 20.31 -1.69
N GLU B 20 16.33 20.42 -0.97
CA GLU B 20 17.17 19.26 -0.71
C GLU B 20 16.49 18.44 0.38
N ASP B 21 16.57 17.11 0.27
CA ASP B 21 15.94 16.23 1.24
C ASP B 21 16.77 14.98 1.45
N PHE B 22 16.98 14.62 2.71
CA PHE B 22 17.72 13.41 3.06
C PHE B 22 16.66 12.54 3.74
N VAL B 23 16.46 11.33 3.23
CA VAL B 23 15.43 10.44 3.73
C VAL B 23 15.92 9.15 4.38
N TYR B 24 15.29 8.78 5.49
CA TYR B 24 15.68 7.54 6.13
C TYR B 24 14.46 6.66 6.29
N GLN B 25 14.63 5.35 6.08
CA GLN B 25 13.54 4.40 6.19
C GLN B 25 13.97 3.16 6.96
N PHE B 26 13.08 2.65 7.81
CA PHE B 26 13.35 1.44 8.55
C PHE B 26 12.12 0.57 8.38
N LYS B 27 12.30 -0.60 7.76
CA LYS B 27 11.18 -1.49 7.53
C LYS B 27 11.32 -2.81 8.29
N GLY B 28 10.40 -3.07 9.20
CA GLY B 28 10.41 -4.32 9.95
C GLY B 28 9.36 -5.17 9.26
N MET B 29 9.80 -6.17 8.52
CA MET B 29 8.84 -6.98 7.77
C MET B 29 8.76 -8.46 8.15
N CYS B 30 7.56 -9.00 8.07
CA CYS B 30 7.31 -10.40 8.38
C CYS B 30 6.74 -11.13 7.16
N TYR B 31 7.19 -12.36 6.95
CA TYR B 31 6.73 -13.18 5.84
C TYR B 31 6.11 -14.47 6.39
N PHE B 32 4.83 -14.68 6.08
CA PHE B 32 4.09 -15.84 6.57
C PHE B 32 3.65 -16.77 5.43
N THR B 33 3.87 -18.07 5.61
CA THR B 33 3.49 -19.07 4.62
C THR B 33 2.91 -20.30 5.33
N ASN B 34 1.92 -20.93 4.70
CA ASN B 34 1.26 -22.11 5.26
C ASN B 34 0.85 -21.88 6.72
N GLY B 35 -0.07 -20.95 6.93
CA GLY B 35 -0.50 -20.65 8.28
C GLY B 35 0.65 -20.17 9.14
N THR B 36 0.92 -20.91 10.22
CA THR B 36 2.00 -20.58 11.14
C THR B 36 3.22 -21.45 10.90
N GLU B 37 3.12 -22.37 9.95
CA GLU B 37 4.22 -23.29 9.63
C GLU B 37 5.54 -22.58 9.34
N ARG B 38 5.50 -21.62 8.42
CA ARG B 38 6.72 -20.90 8.05
C ARG B 38 6.62 -19.42 8.38
N VAL B 39 7.62 -18.92 9.11
CA VAL B 39 7.68 -17.50 9.46
C VAL B 39 9.10 -17.02 9.23
N ARG B 40 9.22 -15.84 8.65
CA ARG B 40 10.51 -15.23 8.38
C ARG B 40 10.39 -13.72 8.52
N LEU B 41 11.44 -13.08 9.00
CA LEU B 41 11.41 -11.64 9.17
C LEU B 41 12.65 -11.04 8.54
N VAL B 42 12.50 -9.83 8.03
CA VAL B 42 13.62 -9.10 7.43
C VAL B 42 13.47 -7.64 7.81
N THR B 43 14.47 -7.09 8.51
CA THR B 43 14.43 -5.68 8.87
C THR B 43 15.36 -5.00 7.87
N ARG B 44 14.91 -3.88 7.30
CA ARG B 44 15.69 -3.17 6.30
C ARG B 44 16.01 -1.72 6.68
N TYR B 45 17.30 -1.38 6.59
CA TYR B 45 17.75 -0.03 6.90
C TYR B 45 18.05 0.63 5.56
N ILE B 46 17.26 1.65 5.24
CA ILE B 46 17.33 2.35 3.97
C ILE B 46 17.73 3.82 4.03
N TYR B 47 18.70 4.21 3.21
CA TYR B 47 19.16 5.60 3.13
C TYR B 47 18.66 6.12 1.79
N ASN B 48 17.71 7.06 1.83
CA ASN B 48 17.09 7.59 0.62
C ASN B 48 16.31 6.39 0.05
N ARG B 49 16.78 5.78 -1.04
CA ARG B 49 16.10 4.60 -1.58
C ARG B 49 17.07 3.40 -1.58
N GLU B 50 18.21 3.58 -0.93
CA GLU B 50 19.23 2.53 -0.86
C GLU B 50 19.20 1.71 0.43
N GLU B 51 18.86 0.44 0.33
CA GLU B 51 18.85 -0.42 1.50
C GLU B 51 20.33 -0.75 1.74
N TYR B 52 20.89 -0.26 2.84
CA TYR B 52 22.31 -0.48 3.10
C TYR B 52 22.65 -1.57 4.12
N ALA B 53 21.68 -1.96 4.93
CA ALA B 53 21.91 -2.99 5.92
C ALA B 53 20.60 -3.71 6.21
N ARG B 54 20.69 -4.99 6.57
CA ARG B 54 19.49 -5.75 6.87
C ARG B 54 19.75 -6.93 7.81
N PHE B 55 18.68 -7.45 8.38
CA PHE B 55 18.77 -8.62 9.25
C PHE B 55 17.71 -9.56 8.71
N ASP B 56 18.13 -10.78 8.39
CA ASP B 56 17.26 -11.83 7.85
C ASP B 56 17.26 -12.95 8.88
N SER B 57 16.10 -13.29 9.42
CA SER B 57 16.01 -14.34 10.43
C SER B 57 16.60 -15.66 9.93
N ASP B 58 16.61 -15.86 8.61
CA ASP B 58 17.16 -17.08 8.03
C ASP B 58 18.68 -17.04 8.07
N VAL B 59 19.24 -15.83 8.07
CA VAL B 59 20.69 -15.69 8.14
C VAL B 59 21.09 -15.66 9.61
N GLY B 60 20.31 -14.94 10.43
CA GLY B 60 20.61 -14.88 11.85
C GLY B 60 21.52 -13.77 12.32
N VAL B 61 22.06 -12.98 11.40
CA VAL B 61 22.92 -11.87 11.77
C VAL B 61 22.70 -10.68 10.83
N TYR B 62 23.13 -9.49 11.25
CA TYR B 62 22.98 -8.31 10.41
C TYR B 62 24.00 -8.38 9.28
N ARG B 63 23.61 -7.97 8.09
CA ARG B 63 24.52 -7.98 6.95
C ARG B 63 24.49 -6.66 6.21
N ALA B 64 25.65 -6.23 5.73
CA ALA B 64 25.75 -5.00 4.96
C ALA B 64 25.26 -5.32 3.57
N VAL B 65 24.41 -4.45 3.01
CA VAL B 65 23.89 -4.67 1.68
C VAL B 65 24.66 -3.84 0.66
N THR B 66 25.12 -2.67 1.10
CA THR B 66 25.90 -1.79 0.24
C THR B 66 27.09 -1.27 1.03
N PRO B 67 28.00 -0.52 0.38
CA PRO B 67 29.18 0.00 1.07
C PRO B 67 28.87 0.86 2.29
N LEU B 68 27.63 1.35 2.39
CA LEU B 68 27.24 2.17 3.53
C LEU B 68 26.96 1.34 4.79
N GLY B 69 26.76 0.05 4.62
CA GLY B 69 26.42 -0.79 5.74
C GLY B 69 27.48 -1.45 6.59
N PRO B 70 28.72 -1.64 6.10
CA PRO B 70 29.72 -2.29 6.96
C PRO B 70 29.82 -1.76 8.40
N PRO B 71 29.91 -0.43 8.58
CA PRO B 71 30.00 0.13 9.94
C PRO B 71 28.81 -0.24 10.83
N ALA B 72 27.62 -0.32 10.23
CA ALA B 72 26.41 -0.65 10.96
C ALA B 72 26.30 -2.13 11.32
N ALA B 73 26.39 -2.99 10.30
CA ALA B 73 26.30 -4.43 10.50
C ALA B 73 27.33 -4.94 11.51
N GLU B 74 28.52 -4.35 11.48
CA GLU B 74 29.60 -4.73 12.38
C GLU B 74 29.27 -4.35 13.81
N TYR B 75 28.84 -3.10 13.99
CA TYR B 75 28.49 -2.60 15.30
C TYR B 75 27.30 -3.33 15.92
N TRP B 76 26.27 -3.59 15.11
CA TRP B 76 25.08 -4.25 15.62
C TRP B 76 25.26 -5.73 15.97
N ASN B 77 26.09 -6.42 15.22
CA ASN B 77 26.35 -7.84 15.51
C ASN B 77 27.17 -7.95 16.79
N SER B 78 27.87 -6.88 17.16
CA SER B 78 28.71 -6.89 18.36
C SER B 78 27.94 -6.59 19.64
N GLN B 79 26.68 -6.17 19.51
CA GLN B 79 25.86 -5.87 20.67
C GLN B 79 25.04 -7.11 20.95
N LYS B 80 25.48 -7.92 21.90
CA LYS B 80 24.81 -9.16 22.25
C LYS B 80 23.31 -9.03 22.53
N GLU B 81 22.94 -8.06 23.35
CA GLU B 81 21.53 -7.86 23.69
C GLU B 81 20.70 -7.47 22.47
N VAL B 82 21.20 -6.52 21.69
CA VAL B 82 20.49 -6.07 20.49
C VAL B 82 20.30 -7.25 19.53
N LEU B 83 21.36 -8.02 19.33
CA LEU B 83 21.32 -9.17 18.43
C LEU B 83 20.29 -10.19 18.91
N GLU B 84 20.28 -10.47 20.21
CA GLU B 84 19.30 -11.42 20.75
C GLU B 84 17.89 -10.88 20.65
N ARG B 85 17.75 -9.57 20.84
CA ARG B 85 16.43 -8.94 20.77
C ARG B 85 15.88 -9.04 19.35
N THR B 86 16.75 -8.81 18.37
CA THR B 86 16.35 -8.86 16.96
C THR B 86 15.92 -10.29 16.57
N ARG B 87 16.71 -11.28 16.98
CA ARG B 87 16.36 -12.67 16.68
C ARG B 87 15.04 -13.03 17.33
N ALA B 88 14.80 -12.47 18.51
CA ALA B 88 13.58 -12.74 19.26
C ALA B 88 12.35 -12.05 18.69
N GLU B 89 12.53 -11.12 17.75
CA GLU B 89 11.38 -10.43 17.18
C GLU B 89 10.54 -11.35 16.28
N LEU B 90 11.11 -12.48 15.90
CA LEU B 90 10.37 -13.43 15.07
C LEU B 90 9.16 -13.86 15.92
N ASP B 91 9.36 -13.89 17.24
CA ASP B 91 8.32 -14.27 18.17
C ASP B 91 7.55 -13.06 18.72
N THR B 92 8.27 -12.12 19.33
CA THR B 92 7.64 -10.93 19.91
C THR B 92 6.94 -10.04 18.91
N VAL B 93 7.31 -10.14 17.64
CA VAL B 93 6.66 -9.32 16.62
C VAL B 93 5.88 -10.13 15.59
N CYS B 94 6.59 -10.89 14.76
CA CYS B 94 5.93 -11.67 13.72
C CYS B 94 4.90 -12.67 14.21
N ARG B 95 5.32 -13.63 15.03
CA ARG B 95 4.38 -14.62 15.54
C ARG B 95 3.31 -13.98 16.41
N HIS B 96 3.70 -13.07 17.28
CA HIS B 96 2.76 -12.41 18.17
C HIS B 96 1.65 -11.70 17.38
N ASN B 97 2.04 -10.92 16.37
CA ASN B 97 1.06 -10.18 15.58
C ASN B 97 0.23 -11.05 14.65
N TYR B 98 0.76 -12.19 14.25
CA TYR B 98 0.02 -13.06 13.35
C TYR B 98 -1.26 -13.52 14.03
N GLN B 99 -1.17 -13.84 15.32
CA GLN B 99 -2.34 -14.28 16.07
C GLN B 99 -3.39 -13.18 16.05
N LEU B 100 -2.95 -11.93 16.10
CA LEU B 100 -3.86 -10.80 16.10
C LEU B 100 -4.49 -10.63 14.70
N GLU B 101 -3.74 -10.99 13.66
CA GLU B 101 -4.25 -10.88 12.30
C GLU B 101 -5.31 -11.96 12.10
N LEU B 102 -5.01 -13.12 12.68
CA LEU B 102 -5.86 -14.30 12.61
C LEU B 102 -7.27 -14.05 13.15
N ARG B 103 -7.43 -13.12 14.08
CA ARG B 103 -8.76 -12.87 14.61
C ARG B 103 -9.44 -11.62 14.05
N THR B 104 -8.75 -10.93 13.14
CA THR B 104 -9.32 -9.75 12.50
C THR B 104 -9.13 -9.80 10.98
N THR B 105 -7.98 -9.31 10.50
CA THR B 105 -7.68 -9.29 9.08
C THR B 105 -7.93 -10.59 8.32
N LEU B 106 -7.38 -11.68 8.82
CA LEU B 106 -7.52 -12.98 8.15
C LEU B 106 -8.94 -13.51 8.10
N GLN B 107 -9.86 -12.84 8.77
CA GLN B 107 -11.26 -13.27 8.78
C GLN B 107 -12.10 -12.30 7.95
N ARG B 108 -11.52 -11.16 7.58
CA ARG B 108 -12.24 -10.15 6.79
C ARG B 108 -12.67 -10.76 5.46
N ARG B 109 -13.98 -10.69 5.19
CA ARG B 109 -14.55 -11.23 3.98
C ARG B 109 -15.57 -10.26 3.39
N VAL B 110 -15.31 -9.78 2.18
CA VAL B 110 -16.23 -8.87 1.54
C VAL B 110 -16.55 -9.43 0.16
N GLU B 111 -17.82 -9.77 -0.04
CA GLU B 111 -18.27 -10.34 -1.30
C GLU B 111 -18.25 -9.35 -2.44
N PRO B 112 -17.71 -9.76 -3.60
CA PRO B 112 -17.65 -8.89 -4.77
C PRO B 112 -19.03 -8.60 -5.35
N THR B 113 -19.20 -7.40 -5.86
CA THR B 113 -20.44 -7.00 -6.50
C THR B 113 -20.14 -7.18 -7.97
N VAL B 114 -20.87 -8.08 -8.63
CA VAL B 114 -20.65 -8.34 -10.05
C VAL B 114 -21.67 -7.65 -10.93
N THR B 115 -21.16 -6.91 -11.91
CA THR B 115 -22.01 -6.17 -12.83
C THR B 115 -21.52 -6.29 -14.26
N ILE B 116 -22.46 -6.37 -15.20
CA ILE B 116 -22.12 -6.46 -16.61
C ILE B 116 -22.76 -5.30 -17.35
N SER B 117 -21.97 -4.61 -18.15
CA SER B 117 -22.47 -3.47 -18.92
C SER B 117 -21.81 -3.42 -20.28
N PRO B 118 -22.56 -3.00 -21.30
CA PRO B 118 -22.06 -2.90 -22.69
C PRO B 118 -20.96 -1.84 -22.81
N LEU B 129 -15.70 -5.07 -25.46
CA LEU B 129 -17.07 -4.78 -25.88
C LEU B 129 -18.04 -4.94 -24.70
N LEU B 130 -17.88 -6.05 -23.97
CA LEU B 130 -18.73 -6.32 -22.82
C LEU B 130 -17.81 -6.31 -21.59
N VAL B 131 -18.17 -5.50 -20.59
CA VAL B 131 -17.34 -5.40 -19.39
C VAL B 131 -17.99 -5.98 -18.14
N CYS B 132 -17.28 -6.88 -17.48
CA CYS B 132 -17.78 -7.46 -16.24
C CYS B 132 -17.03 -6.78 -15.12
N SER B 133 -17.72 -5.95 -14.34
CA SER B 133 -17.11 -5.24 -13.22
C SER B 133 -17.29 -6.04 -11.93
N VAL B 134 -16.16 -6.40 -11.33
CA VAL B 134 -16.14 -7.15 -10.07
C VAL B 134 -15.57 -6.16 -9.06
N THR B 135 -16.45 -5.51 -8.29
CA THR B 135 -16.01 -4.50 -7.34
C THR B 135 -16.16 -4.78 -5.85
N ASP B 136 -15.38 -4.02 -5.07
CA ASP B 136 -15.35 -4.09 -3.61
C ASP B 136 -15.28 -5.47 -2.97
N PHE B 137 -14.14 -6.14 -3.10
CA PHE B 137 -13.99 -7.44 -2.48
C PHE B 137 -12.68 -7.57 -1.71
N TYR B 138 -12.63 -8.55 -0.81
CA TYR B 138 -11.45 -8.81 0.01
C TYR B 138 -11.65 -10.21 0.59
N PRO B 139 -10.58 -11.03 0.64
CA PRO B 139 -9.19 -10.81 0.21
C PRO B 139 -8.99 -10.68 -1.31
N ALA B 140 -7.73 -10.68 -1.72
CA ALA B 140 -7.35 -10.52 -3.12
C ALA B 140 -7.71 -11.67 -4.07
N GLN B 141 -7.61 -12.91 -3.61
CA GLN B 141 -7.90 -14.07 -4.45
C GLN B 141 -9.26 -14.07 -5.15
N ILE B 142 -9.24 -14.12 -6.48
CA ILE B 142 -10.46 -14.17 -7.28
C ILE B 142 -10.24 -14.81 -8.62
N LYS B 143 -11.33 -15.32 -9.19
CA LYS B 143 -11.30 -15.93 -10.51
C LYS B 143 -12.53 -15.44 -11.24
N VAL B 144 -12.31 -14.69 -12.32
CA VAL B 144 -13.39 -14.14 -13.11
C VAL B 144 -13.26 -14.69 -14.53
N ARG B 145 -14.33 -15.32 -15.02
CA ARG B 145 -14.31 -15.88 -16.36
C ARG B 145 -15.57 -15.56 -17.15
N TRP B 146 -15.43 -15.48 -18.46
CA TRP B 146 -16.55 -15.21 -19.35
C TRP B 146 -17.00 -16.50 -20.02
N PHE B 147 -18.31 -16.66 -20.19
CA PHE B 147 -18.89 -17.84 -20.83
C PHE B 147 -19.92 -17.42 -21.86
N ARG B 148 -19.93 -18.13 -22.99
CA ARG B 148 -20.90 -17.86 -24.04
C ARG B 148 -21.71 -19.14 -24.17
N ASN B 149 -22.99 -19.08 -23.86
CA ASN B 149 -23.88 -20.25 -23.91
C ASN B 149 -23.26 -21.38 -23.08
N ASP B 150 -22.90 -21.07 -21.85
CA ASP B 150 -22.31 -22.03 -20.92
C ASP B 150 -20.99 -22.67 -21.37
N GLN B 151 -20.28 -21.98 -22.25
CA GLN B 151 -18.98 -22.44 -22.74
C GLN B 151 -17.97 -21.32 -22.49
N GLU B 152 -16.92 -21.63 -21.75
CA GLU B 152 -15.89 -20.65 -21.41
C GLU B 152 -15.20 -20.02 -22.62
N GLU B 153 -15.06 -18.69 -22.58
CA GLU B 153 -14.41 -17.97 -23.66
C GLU B 153 -12.89 -18.14 -23.52
N THR B 154 -12.21 -18.39 -24.64
CA THR B 154 -10.77 -18.58 -24.60
C THR B 154 -10.04 -17.49 -25.37
N THR B 155 -10.79 -16.56 -25.95
CA THR B 155 -10.20 -15.47 -26.71
C THR B 155 -11.09 -14.23 -26.64
N GLY B 156 -10.50 -13.08 -26.95
CA GLY B 156 -11.26 -11.84 -26.92
C GLY B 156 -11.55 -11.42 -25.49
N VAL B 157 -10.84 -12.02 -24.55
CA VAL B 157 -11.02 -11.72 -23.14
C VAL B 157 -9.80 -10.98 -22.60
N VAL B 158 -10.00 -9.78 -22.09
CA VAL B 158 -8.90 -9.00 -21.52
C VAL B 158 -9.27 -8.48 -20.14
N SER B 159 -8.40 -8.77 -19.16
CA SER B 159 -8.64 -8.34 -17.80
C SER B 159 -7.65 -7.27 -17.35
N THR B 160 -8.10 -6.43 -16.44
CA THR B 160 -7.24 -5.40 -15.89
C THR B 160 -6.46 -6.09 -14.78
N PRO B 161 -5.38 -5.47 -14.31
CA PRO B 161 -4.61 -6.12 -13.24
C PRO B 161 -5.51 -6.04 -12.01
N LEU B 162 -5.15 -6.73 -10.93
CA LEU B 162 -5.96 -6.64 -9.71
C LEU B 162 -5.78 -5.21 -9.22
N ILE B 163 -6.88 -4.47 -9.09
CA ILE B 163 -6.86 -3.08 -8.66
C ILE B 163 -7.05 -2.87 -7.14
N ARG B 164 -6.04 -2.30 -6.50
CA ARG B 164 -6.07 -2.04 -5.07
C ARG B 164 -6.69 -0.66 -4.82
N ASN B 165 -7.82 -0.62 -4.11
CA ASN B 165 -8.50 0.65 -3.84
C ASN B 165 -7.88 1.42 -2.67
N GLY B 166 -7.15 0.73 -1.81
CA GLY B 166 -6.51 1.39 -0.69
C GLY B 166 -7.33 1.41 0.58
N ASP B 167 -8.62 1.13 0.44
CA ASP B 167 -9.53 1.13 1.59
C ASP B 167 -9.87 -0.31 1.99
N TRP B 168 -8.94 -1.22 1.70
CA TRP B 168 -9.10 -2.63 2.02
C TRP B 168 -10.11 -3.38 1.14
N THR B 169 -10.27 -2.91 -0.09
CA THR B 169 -11.15 -3.58 -1.05
C THR B 169 -10.39 -3.59 -2.35
N PHE B 170 -10.71 -4.57 -3.20
CA PHE B 170 -10.08 -4.68 -4.50
C PHE B 170 -11.16 -4.52 -5.55
N GLN B 171 -10.71 -4.49 -6.79
CA GLN B 171 -11.61 -4.32 -7.92
C GLN B 171 -10.89 -4.93 -9.10
N ILE B 172 -11.64 -5.46 -10.06
CA ILE B 172 -11.05 -6.04 -11.27
C ILE B 172 -12.10 -6.00 -12.38
N LEU B 173 -11.69 -5.60 -13.58
CA LEU B 173 -12.61 -5.49 -14.71
C LEU B 173 -12.14 -6.37 -15.87
N VAL B 174 -13.03 -7.25 -16.32
CA VAL B 174 -12.71 -8.17 -17.41
C VAL B 174 -13.63 -7.94 -18.60
N MET B 175 -13.06 -7.52 -19.72
CA MET B 175 -13.84 -7.25 -20.92
C MET B 175 -13.85 -8.43 -21.89
N LEU B 176 -14.92 -8.50 -22.68
CA LEU B 176 -15.08 -9.55 -23.66
C LEU B 176 -15.37 -8.95 -25.03
N GLU B 177 -14.57 -9.34 -26.01
CA GLU B 177 -14.74 -8.88 -27.38
C GLU B 177 -15.64 -9.93 -28.04
N MET B 178 -16.86 -9.56 -28.38
CA MET B 178 -17.79 -10.51 -28.99
C MET B 178 -18.65 -9.94 -30.11
N THR B 179 -19.12 -10.85 -30.97
CA THR B 179 -19.97 -10.49 -32.09
C THR B 179 -21.35 -11.10 -31.83
N PRO B 180 -22.20 -10.37 -31.09
CA PRO B 180 -23.56 -10.82 -30.74
C PRO B 180 -24.35 -11.45 -31.86
N GLN B 181 -24.61 -12.70 -31.66
CA GLN B 181 -25.48 -13.38 -32.56
C GLN B 181 -26.66 -13.89 -31.70
N ARG B 182 -27.82 -13.87 -32.32
CA ARG B 182 -29.05 -14.15 -31.66
C ARG B 182 -29.18 -15.48 -30.97
N GLY B 183 -29.68 -15.26 -29.78
CA GLY B 183 -29.96 -16.30 -28.84
C GLY B 183 -28.82 -16.51 -27.87
N ASP B 184 -27.63 -16.00 -28.20
CA ASP B 184 -26.47 -16.18 -27.36
C ASP B 184 -26.64 -15.57 -25.96
N VAL B 185 -26.26 -16.34 -24.95
CA VAL B 185 -26.34 -15.89 -23.57
C VAL B 185 -24.95 -15.82 -22.98
N TYR B 186 -24.50 -14.62 -22.63
CA TYR B 186 -23.18 -14.44 -22.04
C TYR B 186 -23.29 -14.33 -20.53
N THR B 187 -22.36 -14.94 -19.83
CA THR B 187 -22.35 -14.88 -18.38
C THR B 187 -20.94 -14.67 -17.86
N CYS B 188 -20.85 -13.96 -16.74
CA CYS B 188 -19.57 -13.69 -16.09
C CYS B 188 -19.56 -14.51 -14.82
N HIS B 189 -18.59 -15.41 -14.70
CA HIS B 189 -18.48 -16.25 -13.52
C HIS B 189 -17.40 -15.72 -12.58
N VAL B 190 -17.76 -15.53 -11.32
CA VAL B 190 -16.82 -15.03 -10.34
C VAL B 190 -16.73 -15.94 -9.11
N GLU B 191 -15.53 -16.37 -8.78
CA GLU B 191 -15.32 -17.21 -7.61
C GLU B 191 -14.45 -16.43 -6.63
N HIS B 192 -14.82 -16.47 -5.36
CA HIS B 192 -14.11 -15.74 -4.31
C HIS B 192 -14.34 -16.44 -2.98
N PRO B 193 -13.31 -16.49 -2.11
CA PRO B 193 -13.42 -17.14 -0.79
C PRO B 193 -14.61 -16.72 0.07
N SER B 194 -15.18 -15.55 -0.20
CA SER B 194 -16.32 -15.07 0.54
C SER B 194 -17.61 -15.72 0.03
N LEU B 195 -17.48 -16.46 -1.07
CA LEU B 195 -18.63 -17.12 -1.70
C LEU B 195 -18.45 -18.63 -1.75
N GLN B 196 -19.43 -19.37 -1.23
CA GLN B 196 -19.35 -20.83 -1.29
C GLN B 196 -19.83 -21.28 -2.66
N ASN B 197 -20.66 -20.44 -3.29
CA ASN B 197 -21.16 -20.73 -4.63
C ASN B 197 -20.79 -19.60 -5.59
N PRO B 198 -20.27 -19.95 -6.77
CA PRO B 198 -19.87 -18.97 -7.78
C PRO B 198 -20.98 -17.95 -8.07
N ILE B 199 -20.59 -16.72 -8.36
CA ILE B 199 -21.56 -15.68 -8.70
C ILE B 199 -21.65 -15.70 -10.22
N ILE B 200 -22.86 -15.89 -10.74
CA ILE B 200 -23.05 -15.93 -12.18
C ILE B 200 -24.04 -14.87 -12.63
N VAL B 201 -23.57 -13.96 -13.47
CA VAL B 201 -24.42 -12.88 -13.98
C VAL B 201 -24.59 -13.03 -15.49
N GLU B 202 -25.83 -12.97 -15.97
CA GLU B 202 -26.12 -13.11 -17.39
C GLU B 202 -26.33 -11.78 -18.10
N TRP B 203 -26.21 -11.82 -19.42
CA TRP B 203 -26.42 -10.65 -20.26
C TRP B 203 -26.82 -11.12 -21.65
N ARG B 204 -27.93 -10.57 -22.14
CA ARG B 204 -28.44 -10.90 -23.47
C ARG B 204 -28.63 -9.59 -24.22
N ALA B 205 -28.39 -9.61 -25.53
CA ALA B 205 -28.56 -8.40 -26.33
C ALA B 205 -30.04 -8.06 -26.47
N SER C 5 -4.60 -7.07 23.63
CA SER C 5 -3.12 -7.30 23.67
C SER C 5 -2.40 -6.36 22.69
N GLY C 6 -1.39 -5.66 23.20
CA GLY C 6 -0.63 -4.72 22.39
C GLY C 6 0.03 -5.26 21.13
N GLU C 7 -0.05 -4.47 20.07
CA GLU C 7 0.53 -4.83 18.79
C GLU C 7 2.07 -4.82 18.90
N GLY C 8 2.74 -5.79 18.30
CA GLY C 8 4.19 -5.84 18.35
C GLY C 8 4.82 -4.85 17.37
N SER C 9 6.06 -4.46 17.62
CA SER C 9 6.73 -3.49 16.75
C SER C 9 8.24 -3.66 16.68
N PHE C 10 8.78 -3.78 15.46
CA PHE C 10 10.22 -3.92 15.30
C PHE C 10 10.92 -2.65 15.81
N GLN C 11 12.03 -2.85 16.52
CA GLN C 11 12.79 -1.74 17.07
C GLN C 11 14.07 -1.58 16.27
N PRO C 12 14.33 -0.37 15.75
CA PRO C 12 15.53 -0.10 14.95
C PRO C 12 16.82 -0.03 15.76
N SER C 13 17.88 -0.60 15.20
CA SER C 13 19.18 -0.56 15.86
C SER C 13 19.71 0.85 15.67
N GLN C 14 20.61 1.28 16.54
CA GLN C 14 21.15 2.62 16.51
C GLN C 14 22.55 2.72 15.94
N GLU C 15 22.70 3.55 14.92
CA GLU C 15 23.99 3.77 14.28
C GLU C 15 25.01 4.31 15.28
N ASN C 16 26.29 4.01 15.06
CA ASN C 16 27.36 4.51 15.92
C ASN C 16 28.01 5.71 15.25
N PRO C 17 28.02 6.88 15.91
CA PRO C 17 28.63 8.08 15.30
C PRO C 17 30.10 7.89 14.95
#